data_4NTY
#
_entry.id   4NTY
#
_cell.length_a   151.530
_cell.length_b   151.530
_cell.length_c   123.830
_cell.angle_alpha   90.00
_cell.angle_beta   90.00
_cell.angle_gamma   120.00
#
_symmetry.space_group_name_H-M   'H 3'
#
loop_
_entity.id
_entity.type
_entity.pdbx_description
1 polymer 'Acid-sensing ion channel 1'
2 polymer 'Neurotoxin MitTx-alpha'
3 polymer 'Basic phospholipase A2 homolog Tx-beta'
4 non-polymer 'CESIUM ION'
5 non-polymer 'CHLORIDE ION'
6 non-polymer 2-{2-[2-(2-{2-[2-(2-ETHOXY-ETHOXY)-ETHOXY]-ETHOXY}-ETHOXY)-ETHOXY]-ETHOXY}-ETHANOL
7 water water
#
loop_
_entity_poly.entity_id
_entity_poly.type
_entity_poly.pdbx_seq_one_letter_code
_entity_poly.pdbx_strand_id
1 'polypeptide(L)'
;GQPVSIQAFASSSTLHGISHIFSYERLSLKRVVWALCFMGSLALLALVCTNRIQYYFLYPHVTKLDEVAATRLTFPAVTF
CNLNEFRFSRVTKNDLYHAGELLALLNNRYEIPDTQTADEKQLEILQDKANFRNFKPKPFNMLEFYDRAGHDIREMLLSC
FFRGEQCSPEDFKVVFTRYGKCYTFNAGQDGKPRLITMKGGTGNGLEIMLDIQQDEYLPVWGETDETSFEAGIKVQIHSQ
DEPPLIDQLGFGVAPGFQTFVSCQEQRLIYLPPPWGDCKATTGDSEFYDTYSITACRIDCETRYLVENCNCRMVHMPGDA
PYCTPEQYKECADPALDFLVEKDNEYCVCEMPCNVTRYGKELSMVKIPSKASAKYLAKKYNKSEQYIGENILVLDIFFEA
LNYETIEQKKAYEVAGLLGDIGGQMGLFIGASILTVLELFDYAYEVIKHR
;
A
2 'polypeptide(L)' (PCA)IRPAFCYEDPPFFQKCGAFVDSYYFNRSRITCVHFFYGQCDVNQNHFTTMSECNRVCHG B
3 'polypeptide(L)'
;NLNQFRLMIKCTNDRVWADFVDYGCYCVARDSNTPVDDLDRCCQAQKQCYDEAVKVHGCKPLVMFYSFECRYLASDLDCS
GNNTKCRNFVCNCDRTATLCILTATYNRNNHKIDPSRCQ
;
C
#
loop_
_chem_comp.id
_chem_comp.type
_chem_comp.name
_chem_comp.formula
CL non-polymer 'CHLORIDE ION' 'Cl -1'
CS non-polymer 'CESIUM ION' 'Cs 1'
PE4 non-polymer 2-{2-[2-(2-{2-[2-(2-ETHOXY-ETHOXY)-ETHOXY]-ETHOXY}-ETHOXY)-ETHOXY]-ETHOXY}-ETHANOL 'C16 H34 O8'
#
# COMPACT_ATOMS: atom_id res chain seq x y z
N VAL A 33 38.95 16.39 58.34
CA VAL A 33 38.01 17.33 57.75
C VAL A 33 38.02 17.20 56.24
N TRP A 34 39.12 16.69 55.70
CA TRP A 34 39.26 16.52 54.26
C TRP A 34 38.71 15.17 53.81
N ALA A 35 39.07 14.09 54.50
CA ALA A 35 38.51 12.77 54.19
C ALA A 35 36.99 12.80 54.34
N LEU A 36 36.51 13.78 55.09
CA LEU A 36 35.09 14.05 55.21
C LEU A 36 34.60 14.97 54.09
N CYS A 37 35.48 15.30 53.15
CA CYS A 37 35.14 16.16 52.03
C CYS A 37 35.77 15.68 50.74
N PHE A 38 36.67 14.72 50.84
CA PHE A 38 37.24 14.05 49.67
C PHE A 38 36.26 13.00 49.18
N MET A 39 35.45 12.49 50.09
CA MET A 39 34.46 11.47 49.76
C MET A 39 33.09 12.11 49.48
N GLY A 40 32.83 13.25 50.12
CA GLY A 40 31.68 14.05 49.77
C GLY A 40 31.87 14.60 48.37
N SER A 41 33.10 14.98 48.06
CA SER A 41 33.49 15.35 46.71
C SER A 41 33.13 14.22 45.76
N LEU A 42 33.42 12.99 46.20
CA LEU A 42 33.35 11.81 45.35
C LEU A 42 31.93 11.31 45.19
N ALA A 43 31.10 11.54 46.20
CA ALA A 43 29.70 11.14 46.16
C ALA A 43 28.97 11.88 45.05
N LEU A 44 29.22 13.19 44.96
CA LEU A 44 28.61 14.01 43.91
C LEU A 44 29.20 13.69 42.54
N LEU A 45 30.41 13.14 42.54
CA LEU A 45 31.06 12.72 41.30
C LEU A 45 30.38 11.48 40.75
N ALA A 46 29.91 10.63 41.65
CA ALA A 46 29.25 9.38 41.26
C ALA A 46 27.85 9.64 40.71
N LEU A 47 27.22 10.71 41.18
CA LEU A 47 25.89 11.08 40.70
C LEU A 47 25.99 11.84 39.38
N VAL A 48 27.21 12.10 38.94
CA VAL A 48 27.46 12.69 37.63
C VAL A 48 27.87 11.61 36.63
N CYS A 49 28.73 10.70 37.07
CA CYS A 49 29.10 9.54 36.25
C CYS A 49 27.90 8.63 36.01
N THR A 50 26.94 8.68 36.93
CA THR A 50 25.71 7.93 36.76
C THR A 50 24.82 8.61 35.71
N ASN A 51 24.75 9.93 35.77
CA ASN A 51 23.97 10.71 34.81
C ASN A 51 24.53 10.63 33.39
N ARG A 52 25.84 10.41 33.28
CA ARG A 52 26.49 10.29 31.98
C ARG A 52 26.40 8.86 31.43
N ILE A 53 26.55 7.88 32.31
CA ILE A 53 26.42 6.49 31.89
C ILE A 53 24.98 6.21 31.46
N GLN A 54 24.02 6.73 32.23
CA GLN A 54 22.61 6.53 31.91
C GLN A 54 22.25 7.20 30.59
N TYR A 55 23.01 8.22 30.22
CA TYR A 55 22.75 8.95 28.99
C TYR A 55 23.32 8.23 27.76
N TYR A 56 24.49 7.64 27.91
CA TYR A 56 25.07 6.85 26.83
C TYR A 56 24.14 5.70 26.45
N PHE A 57 23.37 5.22 27.42
CA PHE A 57 22.51 4.06 27.19
C PHE A 57 21.11 4.46 26.74
N LEU A 58 20.90 5.75 26.54
CA LEU A 58 19.73 6.20 25.81
C LEU A 58 20.03 6.07 24.34
N TYR A 59 21.31 5.98 24.02
CA TYR A 59 21.79 5.96 22.64
C TYR A 59 21.16 7.09 21.87
N PRO A 60 21.45 8.33 22.25
CA PRO A 60 20.74 9.44 21.63
C PRO A 60 21.30 9.72 20.25
N HIS A 61 20.58 10.54 19.48
CA HIS A 61 21.09 10.99 18.19
C HIS A 61 20.72 12.44 17.96
N VAL A 62 21.45 13.09 17.07
CA VAL A 62 21.10 14.42 16.59
C VAL A 62 21.01 14.39 15.08
N THR A 63 20.35 15.39 14.51
CA THR A 63 20.13 15.44 13.06
C THR A 63 21.00 16.50 12.42
N LYS A 64 21.71 16.12 11.37
CA LYS A 64 22.64 17.02 10.70
C LYS A 64 22.16 17.37 9.29
N LEU A 65 21.97 18.66 9.04
CA LEU A 65 21.66 19.14 7.70
C LEU A 65 22.97 19.33 7.00
N ASP A 66 22.97 19.24 5.68
CA ASP A 66 24.18 19.45 4.91
C ASP A 66 23.82 19.66 3.45
N GLU A 67 24.48 20.60 2.80
CA GLU A 67 24.43 20.67 1.35
C GLU A 67 25.55 19.77 0.84
N VAL A 68 25.38 19.21 -0.34
CA VAL A 68 26.45 18.46 -0.97
C VAL A 68 26.59 18.82 -2.44
N ALA A 69 27.67 19.50 -2.79
CA ALA A 69 27.95 19.79 -4.18
C ALA A 69 28.25 18.48 -4.90
N ALA A 70 27.55 18.25 -6.00
CA ALA A 70 27.70 17.02 -6.74
C ALA A 70 28.21 17.30 -8.15
N THR A 71 29.17 16.50 -8.60
CA THR A 71 29.68 16.62 -9.97
C THR A 71 28.67 16.00 -10.92
N ARG A 72 27.85 15.09 -10.39
CA ARG A 72 26.86 14.38 -11.18
C ARG A 72 25.74 13.87 -10.28
N LEU A 73 24.61 13.52 -10.87
CA LEU A 73 23.48 12.98 -10.12
C LEU A 73 22.87 11.86 -10.93
N THR A 74 22.44 10.82 -10.24
CA THR A 74 21.74 9.75 -10.91
C THR A 74 20.32 10.21 -11.19
N PHE A 75 19.91 10.10 -12.45
CA PHE A 75 18.56 10.47 -12.81
C PHE A 75 17.56 9.46 -12.26
N PRO A 76 16.44 9.93 -11.72
CA PRO A 76 15.46 9.01 -11.13
C PRO A 76 14.73 8.15 -12.17
N ALA A 77 13.89 7.23 -11.70
CA ALA A 77 12.95 6.55 -12.57
C ALA A 77 11.72 7.42 -12.72
N VAL A 78 11.06 7.32 -13.86
CA VAL A 78 9.88 8.11 -14.14
C VAL A 78 8.80 7.22 -14.69
N THR A 79 7.84 6.87 -13.85
CA THR A 79 6.70 6.05 -14.23
C THR A 79 5.55 6.93 -14.66
N PHE A 80 4.86 6.55 -15.73
CA PHE A 80 3.65 7.25 -16.13
C PHE A 80 2.52 6.31 -16.56
N CYS A 81 1.29 6.76 -16.36
CA CYS A 81 0.11 5.97 -16.67
C CYS A 81 -0.87 6.84 -17.41
N ASN A 82 -1.54 6.30 -18.40
CA ASN A 82 -2.69 6.99 -18.96
C ASN A 82 -3.80 6.86 -17.94
N LEU A 83 -4.66 7.87 -17.82
CA LEU A 83 -5.77 7.84 -16.87
C LEU A 83 -6.87 6.87 -17.31
N ASN A 84 -6.86 6.58 -18.61
CA ASN A 84 -7.73 5.58 -19.19
C ASN A 84 -7.06 4.20 -19.26
N GLU A 85 -7.72 3.20 -18.68
CA GLU A 85 -7.12 1.88 -18.52
C GLU A 85 -7.23 0.98 -19.75
N PHE A 86 -8.30 1.11 -20.51
CA PHE A 86 -8.54 0.21 -21.63
C PHE A 86 -8.88 0.91 -22.94
N ARG A 87 -8.06 0.68 -23.95
CA ARG A 87 -8.34 1.16 -25.29
C ARG A 87 -9.65 0.58 -25.83
N PHE A 88 -10.59 1.45 -26.16
CA PHE A 88 -11.88 1.08 -26.72
C PHE A 88 -11.80 0.13 -27.92
N SER A 89 -10.82 0.34 -28.80
CA SER A 89 -10.71 -0.47 -30.00
C SER A 89 -10.10 -1.83 -29.74
N ARG A 90 -9.67 -2.10 -28.52
CA ARG A 90 -9.10 -3.40 -28.19
C ARG A 90 -10.01 -4.19 -27.27
N VAL A 91 -11.22 -3.70 -27.02
CA VAL A 91 -12.18 -4.44 -26.21
C VAL A 91 -13.06 -5.32 -27.10
N THR A 92 -12.91 -6.63 -26.94
CA THR A 92 -13.66 -7.62 -27.71
C THR A 92 -14.97 -7.96 -27.00
N LYS A 93 -15.86 -8.65 -27.71
CA LYS A 93 -17.11 -9.13 -27.11
C LYS A 93 -16.85 -9.98 -25.87
N ASN A 94 -15.81 -10.80 -25.93
CA ASN A 94 -15.44 -11.65 -24.80
C ASN A 94 -15.01 -10.81 -23.59
N ASP A 95 -14.25 -9.76 -23.83
CA ASP A 95 -13.79 -8.90 -22.75
C ASP A 95 -15.00 -8.20 -22.18
N LEU A 96 -15.85 -7.73 -23.07
CA LEU A 96 -17.07 -7.04 -22.67
C LEU A 96 -17.99 -7.98 -21.94
N TYR A 97 -17.90 -9.28 -22.25
CA TYR A 97 -18.71 -10.26 -21.57
C TYR A 97 -18.28 -10.44 -20.12
N HIS A 98 -16.98 -10.52 -19.90
CA HIS A 98 -16.47 -10.78 -18.57
C HIS A 98 -16.26 -9.52 -17.74
N ALA A 99 -15.85 -8.44 -18.37
CA ALA A 99 -15.44 -7.25 -17.62
C ALA A 99 -16.31 -6.04 -17.88
N GLY A 100 -17.32 -6.18 -18.73
CA GLY A 100 -18.21 -5.08 -19.02
C GLY A 100 -18.88 -4.43 -17.82
N GLU A 101 -19.27 -5.24 -16.84
CA GLU A 101 -19.99 -4.74 -15.67
C GLU A 101 -19.07 -3.96 -14.74
N LEU A 102 -17.83 -4.43 -14.65
CA LEU A 102 -16.78 -3.78 -13.88
C LEU A 102 -16.42 -2.39 -14.44
N LEU A 103 -16.54 -2.22 -15.75
CA LEU A 103 -16.25 -0.95 -16.41
C LEU A 103 -17.49 -0.11 -16.64
N ALA A 104 -18.59 -0.52 -16.01
CA ALA A 104 -19.91 0.11 -16.13
C ALA A 104 -20.48 0.19 -17.54
N LEU A 105 -19.93 -0.59 -18.45
CA LEU A 105 -20.50 -0.70 -19.79
C LEU A 105 -21.73 -1.59 -19.79
N LEU A 106 -21.79 -2.51 -18.83
CA LEU A 106 -22.93 -3.41 -18.71
C LEU A 106 -23.52 -3.32 -17.32
N ASN A 107 -24.82 -3.54 -17.22
CA ASN A 107 -25.44 -3.67 -15.91
C ASN A 107 -25.33 -5.12 -15.45
N ASN A 108 -25.95 -5.45 -14.33
CA ASN A 108 -25.90 -6.82 -13.81
C ASN A 108 -26.67 -7.84 -14.66
N ARG A 109 -27.45 -7.34 -15.61
CA ARG A 109 -28.23 -8.19 -16.51
C ARG A 109 -27.48 -8.41 -17.82
N TYR A 110 -26.20 -8.06 -17.84
CA TYR A 110 -25.35 -8.17 -19.03
C TYR A 110 -25.81 -7.34 -20.21
N GLU A 111 -26.54 -6.25 -19.95
CA GLU A 111 -26.94 -5.39 -21.06
C GLU A 111 -26.50 -3.95 -20.86
N ILE A 112 -26.32 -3.26 -21.99
CA ILE A 112 -26.02 -1.85 -22.00
C ILE A 112 -27.15 -1.08 -21.35
N PRO A 113 -26.87 -0.37 -20.25
CA PRO A 113 -27.90 0.32 -19.48
C PRO A 113 -28.61 1.39 -20.31
N ASP A 114 -29.91 1.57 -20.08
CA ASP A 114 -30.69 2.54 -20.84
C ASP A 114 -30.33 3.97 -20.46
N THR A 115 -29.65 4.10 -19.32
CA THR A 115 -29.10 5.38 -18.89
C THR A 115 -27.67 5.50 -19.38
N GLN A 116 -27.45 5.11 -20.63
CA GLN A 116 -26.14 5.26 -21.25
C GLN A 116 -26.01 6.69 -21.77
N THR A 117 -24.77 7.15 -21.83
CA THR A 117 -24.46 8.50 -22.29
C THR A 117 -23.46 8.39 -23.42
N ALA A 118 -23.92 7.88 -24.56
CA ALA A 118 -23.02 7.68 -25.70
C ALA A 118 -23.46 8.51 -26.88
N ASP A 119 -22.55 8.69 -27.83
CA ASP A 119 -22.87 9.33 -29.09
C ASP A 119 -23.64 8.32 -29.95
N GLU A 120 -23.84 8.66 -31.21
CA GLU A 120 -24.48 7.70 -32.11
C GLU A 120 -23.50 6.56 -32.40
N LYS A 121 -22.28 6.91 -32.78
CA LYS A 121 -21.30 5.94 -33.28
C LYS A 121 -20.80 4.92 -32.25
N GLN A 122 -20.38 5.39 -31.08
CA GLN A 122 -19.85 4.49 -30.05
C GLN A 122 -20.91 3.51 -29.58
N LEU A 123 -22.12 4.01 -29.34
CA LEU A 123 -23.22 3.18 -28.87
C LEU A 123 -23.55 2.03 -29.83
N GLU A 124 -23.55 2.31 -31.12
CA GLU A 124 -23.88 1.28 -32.10
C GLU A 124 -22.74 0.29 -32.33
N ILE A 125 -21.55 0.63 -31.86
CA ILE A 125 -20.45 -0.32 -31.87
C ILE A 125 -20.57 -1.19 -30.63
N LEU A 126 -20.92 -0.57 -29.51
CA LEU A 126 -21.04 -1.28 -28.24
C LEU A 126 -22.30 -2.14 -28.13
N GLN A 127 -23.40 -1.64 -28.70
CA GLN A 127 -24.64 -2.39 -28.70
C GLN A 127 -24.54 -3.66 -29.53
N ASP A 128 -23.68 -3.63 -30.54
CA ASP A 128 -23.40 -4.80 -31.35
C ASP A 128 -22.41 -5.73 -30.64
N LYS A 129 -21.45 -5.14 -29.94
CA LYS A 129 -20.44 -5.91 -29.24
C LYS A 129 -21.05 -6.61 -28.04
N ALA A 130 -22.15 -6.05 -27.54
CA ALA A 130 -22.82 -6.59 -26.37
C ALA A 130 -23.96 -7.52 -26.75
N ASN A 131 -24.06 -7.86 -28.03
CA ASN A 131 -25.02 -8.86 -28.46
C ASN A 131 -24.49 -10.26 -28.20
N PHE A 132 -24.82 -10.81 -27.04
CA PHE A 132 -24.31 -12.10 -26.63
C PHE A 132 -25.28 -13.22 -27.03
N ARG A 133 -26.19 -12.94 -27.96
CA ARG A 133 -27.15 -13.93 -28.40
C ARG A 133 -26.46 -15.03 -29.20
N ASN A 134 -26.52 -16.26 -28.70
CA ASN A 134 -25.78 -17.39 -29.26
C ASN A 134 -24.27 -17.20 -29.20
N PHE A 135 -23.80 -16.59 -28.10
CA PHE A 135 -22.38 -16.39 -27.87
C PHE A 135 -21.89 -17.31 -26.77
N LYS A 136 -20.72 -17.90 -26.96
CA LYS A 136 -20.14 -18.79 -25.95
C LYS A 136 -18.81 -18.25 -25.43
N PRO A 137 -18.75 -17.98 -24.12
CA PRO A 137 -17.62 -17.30 -23.47
C PRO A 137 -16.34 -18.12 -23.50
N LYS A 138 -15.26 -17.51 -23.98
CA LYS A 138 -13.93 -18.10 -23.95
C LYS A 138 -13.28 -17.67 -22.64
N PRO A 139 -12.18 -18.32 -22.24
CA PRO A 139 -11.57 -17.91 -20.96
C PRO A 139 -11.08 -16.46 -20.93
N PHE A 140 -10.91 -15.93 -19.72
CA PHE A 140 -10.59 -14.52 -19.53
C PHE A 140 -9.63 -14.33 -18.37
N ASN A 141 -8.80 -13.31 -18.46
CA ASN A 141 -7.75 -13.06 -17.47
C ASN A 141 -7.50 -11.57 -17.42
N MET A 142 -7.62 -10.97 -16.24
CA MET A 142 -7.44 -9.51 -16.11
C MET A 142 -6.06 -9.06 -16.52
N LEU A 143 -5.04 -9.85 -16.20
CA LEU A 143 -3.67 -9.46 -16.53
C LEU A 143 -3.46 -9.46 -18.03
N GLU A 144 -4.05 -10.44 -18.71
CA GLU A 144 -3.95 -10.55 -20.14
C GLU A 144 -4.70 -9.41 -20.78
N PHE A 145 -5.84 -9.05 -20.19
CA PHE A 145 -6.68 -7.97 -20.69
C PHE A 145 -5.98 -6.60 -20.57
N TYR A 146 -5.35 -6.34 -19.43
CA TYR A 146 -4.62 -5.11 -19.24
C TYR A 146 -3.46 -5.05 -20.23
N ASP A 147 -2.73 -6.15 -20.34
CA ASP A 147 -1.57 -6.21 -21.22
C ASP A 147 -1.90 -6.01 -22.69
N ARG A 148 -3.08 -6.45 -23.09
CA ARG A 148 -3.52 -6.34 -24.46
C ARG A 148 -4.32 -5.08 -24.74
N ALA A 149 -5.14 -4.65 -23.78
CA ALA A 149 -6.04 -3.52 -24.04
C ALA A 149 -5.52 -2.19 -23.49
N GLY A 150 -4.61 -2.26 -22.51
CA GLY A 150 -3.94 -1.07 -22.02
C GLY A 150 -3.24 -0.28 -23.11
N HIS A 151 -2.98 0.99 -22.86
CA HIS A 151 -2.39 1.88 -23.86
C HIS A 151 -0.96 1.48 -24.17
N ASP A 152 -0.57 1.69 -25.41
CA ASP A 152 0.69 1.17 -25.91
C ASP A 152 1.69 2.32 -26.01
N ILE A 153 2.85 2.15 -25.36
CA ILE A 153 3.92 3.13 -25.39
C ILE A 153 4.31 3.46 -26.83
N ARG A 154 4.14 2.49 -27.73
CA ARG A 154 4.50 2.62 -29.14
C ARG A 154 3.63 3.57 -29.93
N GLU A 155 2.41 3.81 -29.47
CA GLU A 155 1.53 4.77 -30.12
C GLU A 155 1.41 6.08 -29.34
N MET A 156 1.57 6.00 -28.02
CA MET A 156 1.53 7.17 -27.15
C MET A 156 2.76 8.07 -27.34
N LEU A 157 3.94 7.46 -27.43
CA LEU A 157 5.19 8.20 -27.46
C LEU A 157 5.52 8.77 -28.83
N LEU A 158 5.18 10.04 -29.04
CA LEU A 158 5.51 10.75 -30.26
C LEU A 158 7.02 11.06 -30.34
N SER A 159 7.61 11.47 -29.22
CA SER A 159 9.04 11.74 -29.18
C SER A 159 9.59 11.74 -27.77
N CYS A 160 10.83 11.32 -27.63
CA CYS A 160 11.48 11.26 -26.34
C CYS A 160 12.93 11.69 -26.52
N PHE A 161 13.37 12.62 -25.69
CA PHE A 161 14.78 12.99 -25.68
C PHE A 161 15.28 13.02 -24.27
N PHE A 162 16.49 12.55 -24.08
CA PHE A 162 17.15 12.68 -22.82
C PHE A 162 18.58 13.12 -23.09
N ARG A 163 18.94 14.29 -22.58
CA ARG A 163 20.29 14.83 -22.73
C ARG A 163 20.81 14.84 -24.17
N GLY A 164 19.98 15.30 -25.08
CA GLY A 164 20.36 15.37 -26.47
C GLY A 164 20.06 14.11 -27.26
N GLU A 165 20.20 12.95 -26.60
CA GLU A 165 20.04 11.66 -27.26
C GLU A 165 18.57 11.27 -27.43
N GLN A 166 18.26 10.63 -28.56
CA GLN A 166 16.90 10.23 -28.86
C GLN A 166 16.57 8.92 -28.18
N CYS A 167 15.44 8.86 -27.48
CA CYS A 167 15.02 7.62 -26.83
C CYS A 167 13.79 7.02 -27.51
N SER A 168 13.50 5.77 -27.17
CA SER A 168 12.52 5.00 -27.93
C SER A 168 11.62 4.23 -26.98
N PRO A 169 10.56 3.59 -27.50
CA PRO A 169 9.73 2.74 -26.65
C PRO A 169 10.50 1.62 -25.96
N GLU A 170 11.69 1.33 -26.44
CA GLU A 170 12.53 0.30 -25.84
C GLU A 170 13.13 0.75 -24.52
N ASP A 171 13.12 2.05 -24.26
CA ASP A 171 13.72 2.59 -23.06
C ASP A 171 12.74 2.60 -21.91
N PHE A 172 11.50 2.27 -22.23
CA PHE A 172 10.42 2.22 -21.25
C PHE A 172 10.03 0.79 -20.88
N LYS A 173 10.20 0.46 -19.61
CA LYS A 173 9.80 -0.83 -19.06
C LYS A 173 8.33 -0.85 -18.64
N VAL A 174 7.58 -1.87 -19.09
CA VAL A 174 6.20 -2.09 -18.67
C VAL A 174 6.13 -2.42 -17.18
N VAL A 175 5.21 -1.76 -16.47
CA VAL A 175 4.94 -2.05 -15.07
C VAL A 175 3.45 -1.96 -14.81
N PHE A 176 2.90 -2.93 -14.09
CA PHE A 176 1.46 -2.93 -13.86
C PHE A 176 1.15 -2.27 -12.55
N THR A 177 0.14 -1.40 -12.58
CA THR A 177 -0.24 -0.60 -11.42
C THR A 177 -1.76 -0.58 -11.35
N ARG A 178 -2.30 0.17 -10.40
CA ARG A 178 -3.75 0.24 -10.25
C ARG A 178 -4.39 0.86 -11.49
N TYR A 179 -3.62 1.62 -12.25
CA TYR A 179 -4.10 2.20 -13.50
C TYR A 179 -4.04 1.20 -14.64
N GLY A 180 -3.36 0.09 -14.41
CA GLY A 180 -3.20 -0.89 -15.43
C GLY A 180 -1.80 -0.93 -15.98
N LYS A 181 -1.69 -0.82 -17.30
CA LYS A 181 -0.43 -0.99 -17.97
C LYS A 181 0.32 0.32 -18.13
N CYS A 182 1.40 0.46 -17.39
CA CYS A 182 2.14 1.70 -17.27
C CYS A 182 3.57 1.48 -17.71
N TYR A 183 4.33 2.57 -17.79
CA TYR A 183 5.69 2.53 -18.32
C TYR A 183 6.68 3.33 -17.48
N THR A 184 7.83 2.74 -17.18
CA THR A 184 8.86 3.42 -16.44
C THR A 184 10.07 3.72 -17.31
N PHE A 185 10.43 5.00 -17.39
CA PHE A 185 11.65 5.44 -18.05
C PHE A 185 12.76 5.29 -17.06
N ASN A 186 13.94 4.91 -17.54
CA ASN A 186 15.13 4.80 -16.72
C ASN A 186 14.91 3.90 -15.49
N ALA A 187 14.30 2.75 -15.71
CA ALA A 187 13.99 1.83 -14.60
C ALA A 187 15.25 1.25 -13.99
N GLY A 188 16.34 1.21 -14.74
CA GLY A 188 17.61 0.76 -14.22
C GLY A 188 17.56 -0.71 -13.86
N GLN A 189 16.58 -1.41 -14.43
CA GLN A 189 16.49 -2.85 -14.33
C GLN A 189 17.06 -3.38 -15.65
N ASP A 190 16.67 -4.59 -16.04
CA ASP A 190 17.25 -5.24 -17.22
C ASP A 190 18.75 -5.51 -17.10
N GLY A 191 19.40 -4.89 -16.11
CA GLY A 191 20.84 -4.89 -16.02
C GLY A 191 21.37 -3.67 -16.77
N LYS A 192 20.47 -2.77 -17.14
CA LYS A 192 20.84 -1.56 -17.84
C LYS A 192 21.48 -0.54 -16.88
N PRO A 193 22.45 0.22 -17.38
CA PRO A 193 23.01 1.30 -16.56
C PRO A 193 21.96 2.37 -16.27
N ARG A 194 22.14 3.09 -15.16
CA ARG A 194 21.27 4.21 -14.83
C ARG A 194 21.87 5.50 -15.41
N LEU A 195 21.01 6.37 -15.93
CA LEU A 195 21.43 7.63 -16.56
C LEU A 195 21.86 8.71 -15.56
N ILE A 196 22.68 9.65 -16.00
CA ILE A 196 23.18 10.69 -15.11
C ILE A 196 22.98 12.12 -15.64
N THR A 197 22.79 13.06 -14.72
CA THR A 197 22.63 14.47 -15.02
C THR A 197 23.88 15.18 -14.53
N MET A 198 24.34 16.20 -15.25
CA MET A 198 25.54 16.92 -14.84
C MET A 198 25.35 18.42 -14.68
N LYS A 199 24.26 18.97 -15.19
CA LYS A 199 24.02 20.41 -15.08
C LYS A 199 22.60 20.69 -14.69
N GLY A 200 22.37 21.89 -14.18
CA GLY A 200 21.03 22.33 -13.88
C GLY A 200 20.32 22.65 -15.17
N GLY A 201 19.04 22.33 -15.26
CA GLY A 201 18.25 22.82 -16.34
C GLY A 201 17.68 21.82 -17.30
N THR A 202 16.80 22.32 -18.15
CA THR A 202 15.95 21.53 -18.99
C THR A 202 16.73 20.67 -20.00
N GLY A 203 17.94 21.09 -20.35
CA GLY A 203 18.73 20.43 -21.36
C GLY A 203 19.30 19.11 -20.87
N ASN A 204 19.55 19.03 -19.57
CA ASN A 204 20.18 17.87 -18.99
C ASN A 204 19.17 16.86 -18.45
N GLY A 205 17.91 17.02 -18.82
CA GLY A 205 16.89 16.06 -18.42
C GLY A 205 16.12 15.39 -19.54
N LEU A 206 14.91 14.92 -19.21
CA LEU A 206 14.06 14.17 -20.13
C LEU A 206 13.05 15.09 -20.77
N GLU A 207 12.72 14.86 -22.03
CA GLU A 207 11.56 15.50 -22.61
C GLU A 207 10.79 14.52 -23.46
N ILE A 208 9.53 14.26 -23.08
CA ILE A 208 8.70 13.35 -23.83
C ILE A 208 7.48 14.09 -24.39
N MET A 209 7.13 13.81 -25.63
CA MET A 209 5.85 14.20 -26.18
C MET A 209 4.96 12.96 -26.30
N LEU A 210 3.78 13.02 -25.69
CA LEU A 210 2.84 11.90 -25.69
C LEU A 210 1.51 12.29 -26.30
N ASP A 211 0.87 11.33 -26.94
CA ASP A 211 -0.50 11.45 -27.40
C ASP A 211 -1.32 10.56 -26.45
N ILE A 212 -2.30 11.14 -25.75
CA ILE A 212 -3.01 10.38 -24.73
C ILE A 212 -4.18 9.59 -25.30
N GLN A 213 -4.54 9.89 -26.54
CA GLN A 213 -5.50 9.10 -27.30
C GLN A 213 -6.91 9.10 -26.73
N GLN A 214 -7.52 10.28 -26.63
CA GLN A 214 -8.88 10.37 -26.10
C GLN A 214 -9.93 9.73 -26.99
N ASP A 215 -9.60 9.51 -28.26
CA ASP A 215 -10.55 8.87 -29.16
C ASP A 215 -10.60 7.38 -28.85
N GLU A 216 -9.70 6.95 -27.98
CA GLU A 216 -9.51 5.56 -27.64
C GLU A 216 -9.96 5.35 -26.20
N TYR A 217 -10.39 6.42 -25.54
CA TYR A 217 -10.89 6.31 -24.19
C TYR A 217 -12.19 5.53 -24.15
N LEU A 218 -12.40 4.81 -23.07
CA LEU A 218 -13.62 4.05 -22.84
C LEU A 218 -14.76 4.97 -22.41
N PRO A 219 -15.95 4.81 -22.99
CA PRO A 219 -17.10 5.59 -22.52
C PRO A 219 -17.41 5.38 -21.04
N VAL A 220 -17.80 6.46 -20.38
CA VAL A 220 -18.07 6.44 -18.96
C VAL A 220 -19.57 6.49 -18.79
N TRP A 221 -20.13 5.39 -18.31
CA TRP A 221 -21.57 5.28 -18.14
C TRP A 221 -21.91 5.04 -16.68
N GLY A 222 -20.89 5.03 -15.83
CA GLY A 222 -21.09 4.83 -14.41
C GLY A 222 -19.84 5.23 -13.65
N GLU A 223 -19.83 5.02 -12.35
CA GLU A 223 -18.67 5.36 -11.53
C GLU A 223 -18.14 4.13 -10.82
N THR A 224 -16.97 3.66 -11.21
CA THR A 224 -16.34 2.52 -10.58
C THR A 224 -14.88 2.87 -10.38
N ASP A 225 -14.12 2.01 -9.73
CA ASP A 225 -12.70 2.25 -9.50
C ASP A 225 -11.87 2.24 -10.78
N GLU A 226 -12.46 1.87 -11.90
CA GLU A 226 -11.72 1.74 -13.14
C GLU A 226 -12.15 2.78 -14.16
N THR A 227 -13.02 3.69 -13.76
CA THR A 227 -13.48 4.73 -14.66
C THR A 227 -12.89 6.08 -14.27
N SER A 228 -12.88 7.00 -15.22
CA SER A 228 -12.15 8.24 -15.04
C SER A 228 -12.97 9.39 -15.60
N PHE A 229 -13.14 10.43 -14.80
CA PHE A 229 -13.76 11.66 -15.28
C PHE A 229 -12.72 12.51 -15.97
N GLU A 230 -11.46 12.15 -15.83
CA GLU A 230 -10.34 12.98 -16.27
C GLU A 230 -9.58 12.44 -17.47
N ALA A 231 -8.96 13.35 -18.21
CA ALA A 231 -8.10 12.99 -19.33
C ALA A 231 -6.68 13.47 -19.03
N GLY A 232 -5.69 12.65 -19.36
CA GLY A 232 -4.32 13.01 -19.09
C GLY A 232 -3.52 11.82 -18.65
N ILE A 233 -2.38 12.07 -18.02
CA ILE A 233 -1.57 11.01 -17.44
C ILE A 233 -1.26 11.27 -15.95
N LYS A 234 -0.95 10.20 -15.23
CA LYS A 234 -0.39 10.35 -13.89
C LYS A 234 1.10 9.97 -13.93
N VAL A 235 1.91 10.69 -13.18
CA VAL A 235 3.36 10.53 -13.20
C VAL A 235 3.91 10.44 -11.79
N GLN A 236 4.92 9.60 -11.59
CA GLN A 236 5.65 9.54 -10.35
C GLN A 236 7.15 9.48 -10.62
N ILE A 237 7.89 10.36 -9.95
CA ILE A 237 9.34 10.38 -10.02
C ILE A 237 9.87 9.71 -8.77
N HIS A 238 10.54 8.58 -8.94
CA HIS A 238 11.02 7.78 -7.83
C HIS A 238 12.40 7.19 -8.05
N SER A 239 13.10 6.92 -6.97
CA SER A 239 14.34 6.16 -7.03
C SER A 239 14.10 4.77 -7.65
N GLN A 240 15.11 4.20 -8.29
CA GLN A 240 14.95 2.88 -8.90
C GLN A 240 14.87 1.77 -7.85
N ASP A 241 15.29 2.11 -6.64
CA ASP A 241 15.26 1.20 -5.51
C ASP A 241 13.86 0.97 -4.94
N GLU A 242 12.88 1.73 -5.41
CA GLU A 242 11.52 1.59 -4.92
C GLU A 242 10.49 1.48 -6.05
N PRO A 243 9.43 0.70 -5.84
CA PRO A 243 8.37 0.57 -6.84
C PRO A 243 7.49 1.82 -6.90
N PRO A 244 6.73 1.99 -7.97
CA PRO A 244 5.77 3.10 -7.98
C PRO A 244 4.61 2.80 -7.06
N LEU A 245 3.98 3.84 -6.53
CA LEU A 245 2.68 3.70 -5.90
C LEU A 245 1.79 4.79 -6.48
N ILE A 246 1.76 4.83 -7.81
CA ILE A 246 1.31 5.97 -8.59
C ILE A 246 -0.11 6.51 -8.33
N ASP A 247 -1.08 5.66 -8.03
CA ASP A 247 -2.42 6.15 -7.70
C ASP A 247 -2.44 6.94 -6.39
N GLN A 248 -1.45 6.71 -5.54
CA GLN A 248 -1.42 7.36 -4.24
C GLN A 248 -0.43 8.51 -4.19
N LEU A 249 0.72 8.35 -4.84
CA LEU A 249 1.83 9.27 -4.64
C LEU A 249 2.25 10.02 -5.89
N GLY A 250 1.51 9.87 -6.98
CA GLY A 250 1.90 10.55 -8.21
C GLY A 250 1.41 11.97 -8.37
N PHE A 251 1.75 12.57 -9.51
CA PHE A 251 1.22 13.87 -9.87
C PHE A 251 0.55 13.82 -11.24
N GLY A 252 -0.28 14.82 -11.54
CA GLY A 252 -1.01 14.84 -12.78
C GLY A 252 -0.33 15.71 -13.79
N VAL A 253 -0.46 15.37 -15.06
CA VAL A 253 -0.02 16.17 -16.17
C VAL A 253 -1.15 16.20 -17.19
N ALA A 254 -1.56 17.38 -17.61
CA ALA A 254 -2.74 17.53 -18.44
C ALA A 254 -2.43 17.67 -19.92
N PRO A 255 -3.30 17.15 -20.77
CA PRO A 255 -3.12 17.35 -22.21
C PRO A 255 -3.31 18.82 -22.55
N GLY A 256 -2.71 19.29 -23.64
CA GLY A 256 -2.84 20.66 -24.07
C GLY A 256 -1.78 21.56 -23.48
N PHE A 257 -0.79 20.98 -22.83
CA PHE A 257 0.24 21.77 -22.17
C PHE A 257 1.59 21.13 -22.30
N GLN A 258 2.62 21.98 -22.26
CA GLN A 258 3.95 21.54 -21.93
C GLN A 258 4.20 21.84 -20.45
N THR A 259 4.56 20.84 -19.68
CA THR A 259 4.69 20.98 -18.23
C THR A 259 6.14 20.83 -17.82
N PHE A 260 6.64 21.79 -17.06
CA PHE A 260 8.02 21.78 -16.61
C PHE A 260 8.11 21.31 -15.18
N VAL A 261 8.98 20.35 -14.92
CA VAL A 261 9.09 19.81 -13.58
C VAL A 261 10.51 19.91 -13.14
N SER A 262 10.81 20.94 -12.37
CA SER A 262 12.14 21.18 -11.88
C SER A 262 12.31 20.51 -10.53
N CYS A 263 13.36 19.72 -10.38
CA CYS A 263 13.49 18.83 -9.23
C CYS A 263 14.69 19.13 -8.36
N GLN A 264 14.61 18.70 -7.11
CA GLN A 264 15.77 18.71 -6.23
C GLN A 264 15.83 17.39 -5.50
N GLU A 265 16.97 16.74 -5.55
CA GLU A 265 17.17 15.51 -4.82
C GLU A 265 17.38 15.84 -3.37
N GLN A 266 16.81 15.04 -2.49
CA GLN A 266 16.96 15.25 -1.07
C GLN A 266 17.11 13.89 -0.40
N ARG A 267 18.20 13.71 0.32
CA ARG A 267 18.52 12.42 0.90
C ARG A 267 18.38 12.39 2.41
N LEU A 268 17.51 11.51 2.90
CA LEU A 268 17.31 11.32 4.32
C LEU A 268 17.96 10.02 4.78
N ILE A 269 18.77 10.09 5.83
CA ILE A 269 19.42 8.92 6.38
C ILE A 269 19.07 8.78 7.85
N TYR A 270 18.56 7.61 8.23
CA TYR A 270 18.20 7.36 9.62
C TYR A 270 19.06 6.27 10.23
N LEU A 271 19.04 6.20 11.56
CA LEU A 271 19.79 5.19 12.30
C LEU A 271 18.95 3.96 12.63
N PRO A 272 19.57 2.78 12.65
CA PRO A 272 18.92 1.55 13.08
C PRO A 272 19.02 1.42 14.60
N PRO A 273 18.28 0.49 15.22
CA PRO A 273 18.40 0.30 16.67
C PRO A 273 19.84 0.02 17.07
N PRO A 274 20.25 0.47 18.27
CA PRO A 274 19.39 1.04 19.31
C PRO A 274 19.18 2.55 19.21
N TRP A 275 19.99 3.24 18.43
CA TRP A 275 19.85 4.68 18.26
C TRP A 275 18.48 5.04 17.69
N GLY A 276 18.16 4.50 16.53
CA GLY A 276 16.92 4.83 15.85
C GLY A 276 16.10 3.60 15.58
N ASP A 277 15.06 3.73 14.77
CA ASP A 277 14.15 2.63 14.54
C ASP A 277 13.97 2.33 13.06
N CYS A 278 15.03 2.49 12.29
CA CYS A 278 14.91 2.27 10.85
C CYS A 278 15.19 0.82 10.46
N LYS A 279 14.62 0.41 9.33
CA LYS A 279 14.74 -0.97 8.86
C LYS A 279 15.85 -1.05 7.83
N ALA A 280 16.90 -1.81 8.13
CA ALA A 280 18.03 -1.94 7.25
C ALA A 280 17.68 -2.63 5.93
N THR A 281 17.28 -3.89 6.01
CA THR A 281 16.94 -4.65 4.81
C THR A 281 15.56 -5.27 4.91
N THR A 282 15.34 -6.35 4.18
CA THR A 282 14.07 -7.05 4.22
C THR A 282 14.30 -8.54 4.05
N GLY A 283 13.35 -9.35 4.52
CA GLY A 283 13.47 -10.79 4.45
C GLY A 283 12.16 -11.45 4.03
N GLU A 286 9.61 -7.89 1.84
CA GLU A 286 9.38 -9.32 1.62
C GLU A 286 9.39 -9.67 0.13
N PHE A 287 8.70 -8.86 -0.67
CA PHE A 287 8.60 -9.09 -2.11
C PHE A 287 9.66 -8.32 -2.90
N TYR A 288 10.16 -7.24 -2.31
CA TYR A 288 11.15 -6.41 -2.99
C TYR A 288 12.51 -6.51 -2.31
N ASP A 289 13.57 -6.36 -3.09
CA ASP A 289 14.92 -6.64 -2.62
C ASP A 289 15.59 -5.44 -1.99
N THR A 290 14.80 -4.41 -1.72
CA THR A 290 15.27 -3.23 -1.00
C THR A 290 14.07 -2.65 -0.27
N TYR A 291 14.26 -2.29 1.00
CA TYR A 291 13.15 -1.79 1.78
C TYR A 291 12.88 -0.30 1.54
N SER A 292 11.61 0.02 1.31
CA SER A 292 11.15 1.40 1.21
C SER A 292 9.73 1.38 1.73
N ILE A 293 9.16 2.56 2.00
CA ILE A 293 7.79 2.66 2.46
C ILE A 293 6.83 2.04 1.45
N THR A 294 7.11 2.22 0.16
CA THR A 294 6.23 1.70 -0.88
C THR A 294 6.27 0.17 -0.97
N ALA A 295 7.46 -0.40 -0.84
CA ALA A 295 7.63 -1.85 -0.82
C ALA A 295 6.83 -2.47 0.31
N CYS A 296 6.90 -1.83 1.48
CA CYS A 296 6.13 -2.24 2.65
C CYS A 296 4.62 -2.18 2.39
N ARG A 297 4.15 -1.08 1.81
CA ARG A 297 2.73 -0.94 1.53
C ARG A 297 2.23 -1.95 0.48
N ILE A 298 3.01 -2.23 -0.55
CA ILE A 298 2.59 -3.22 -1.53
C ILE A 298 2.58 -4.64 -0.94
N ASP A 299 3.52 -4.96 -0.06
CA ASP A 299 3.47 -6.19 0.71
C ASP A 299 2.15 -6.30 1.47
N CYS A 300 1.82 -5.27 2.24
CA CYS A 300 0.58 -5.21 3.01
C CYS A 300 -0.67 -5.37 2.18
N GLU A 301 -0.74 -4.64 1.08
CA GLU A 301 -1.92 -4.69 0.23
C GLU A 301 -2.14 -6.07 -0.35
N THR A 302 -1.04 -6.78 -0.61
CA THR A 302 -1.10 -8.10 -1.19
C THR A 302 -1.51 -9.14 -0.14
N ARG A 303 -0.93 -9.04 1.05
CA ARG A 303 -1.32 -9.91 2.16
C ARG A 303 -2.77 -9.71 2.48
N TYR A 304 -3.23 -8.47 2.37
CA TYR A 304 -4.58 -8.11 2.71
C TYR A 304 -5.60 -8.61 1.70
N LEU A 305 -5.23 -8.60 0.42
CA LEU A 305 -6.15 -9.05 -0.61
C LEU A 305 -6.26 -10.57 -0.65
N VAL A 306 -5.16 -11.26 -0.43
CA VAL A 306 -5.18 -12.70 -0.36
C VAL A 306 -5.98 -13.17 0.86
N GLU A 307 -5.65 -12.63 2.03
CA GLU A 307 -6.33 -12.95 3.28
C GLU A 307 -7.85 -12.69 3.24
N ASN A 308 -8.29 -11.78 2.39
CA ASN A 308 -9.68 -11.31 2.41
C ASN A 308 -10.47 -11.59 1.15
N CYS A 309 -9.78 -11.96 0.09
CA CYS A 309 -10.42 -12.20 -1.18
C CYS A 309 -9.94 -13.50 -1.80
N ASN A 310 -8.83 -14.02 -1.28
CA ASN A 310 -8.18 -15.25 -1.77
C ASN A 310 -7.58 -15.08 -3.15
N CYS A 311 -7.29 -13.84 -3.51
CA CYS A 311 -6.76 -13.51 -4.83
C CYS A 311 -5.94 -12.22 -4.76
N ARG A 312 -5.15 -11.97 -5.78
CA ARG A 312 -4.39 -10.75 -5.83
C ARG A 312 -4.81 -10.00 -7.08
N MET A 313 -4.62 -8.69 -7.08
CA MET A 313 -4.82 -7.90 -8.27
C MET A 313 -3.63 -8.08 -9.20
N VAL A 314 -3.84 -7.89 -10.50
CA VAL A 314 -2.82 -8.21 -11.49
C VAL A 314 -1.52 -7.41 -11.35
N HIS A 315 -1.53 -6.34 -10.56
CA HIS A 315 -0.33 -5.54 -10.39
C HIS A 315 0.45 -5.87 -9.12
N MET A 316 -0.03 -6.81 -8.33
CA MET A 316 0.64 -7.17 -7.08
C MET A 316 1.52 -8.41 -7.30
N PRO A 317 2.57 -8.55 -6.49
CA PRO A 317 3.46 -9.71 -6.63
C PRO A 317 2.92 -10.95 -5.92
N GLY A 318 3.65 -12.06 -5.98
CA GLY A 318 3.23 -13.29 -5.30
C GLY A 318 2.79 -14.44 -6.21
N ASP A 319 2.16 -15.45 -5.60
CA ASP A 319 1.77 -16.68 -6.29
C ASP A 319 0.26 -16.83 -6.45
N ALA A 320 -0.49 -16.13 -5.62
CA ALA A 320 -1.94 -16.31 -5.53
C ALA A 320 -2.64 -16.05 -6.86
N PRO A 321 -3.77 -16.72 -7.08
CA PRO A 321 -4.51 -16.51 -8.33
C PRO A 321 -4.90 -15.06 -8.55
N TYR A 322 -5.00 -14.66 -9.81
CA TYR A 322 -5.45 -13.32 -10.15
C TYR A 322 -6.95 -13.22 -9.94
N CYS A 323 -7.39 -12.07 -9.45
CA CYS A 323 -8.80 -11.80 -9.26
C CYS A 323 -9.56 -11.82 -10.57
N THR A 324 -10.75 -12.38 -10.52
CA THR A 324 -11.64 -12.40 -11.66
C THR A 324 -12.31 -11.04 -11.71
N PRO A 325 -12.93 -10.67 -12.85
CA PRO A 325 -13.63 -9.38 -12.87
C PRO A 325 -14.72 -9.30 -11.79
N GLU A 326 -15.31 -10.44 -11.44
CA GLU A 326 -16.30 -10.46 -10.38
C GLU A 326 -15.68 -10.12 -9.03
N GLN A 327 -14.54 -10.73 -8.74
CA GLN A 327 -13.84 -10.51 -7.48
C GLN A 327 -13.32 -9.09 -7.34
N TYR A 328 -12.87 -8.51 -8.44
CA TYR A 328 -12.48 -7.10 -8.47
C TYR A 328 -13.61 -6.24 -7.96
N LYS A 329 -14.76 -6.30 -8.63
CA LYS A 329 -15.92 -5.52 -8.20
C LYS A 329 -16.41 -5.83 -6.78
N GLU A 330 -16.45 -7.11 -6.40
CA GLU A 330 -17.11 -7.55 -5.18
C GLU A 330 -16.23 -7.55 -3.94
N CYS A 331 -14.94 -7.79 -4.14
CA CYS A 331 -14.05 -8.01 -3.02
C CYS A 331 -12.77 -7.18 -3.16
N ALA A 332 -12.07 -7.32 -4.26
CA ALA A 332 -10.75 -6.69 -4.45
C ALA A 332 -10.73 -5.15 -4.43
N ASP A 333 -11.62 -4.51 -5.17
CA ASP A 333 -11.70 -3.04 -5.14
C ASP A 333 -12.13 -2.49 -3.78
N PRO A 334 -13.27 -2.95 -3.23
CA PRO A 334 -13.63 -2.47 -1.89
C PRO A 334 -12.59 -2.70 -0.81
N ALA A 335 -11.84 -3.79 -0.89
CA ALA A 335 -10.84 -4.11 0.13
C ALA A 335 -9.56 -3.27 0.04
N LEU A 336 -9.16 -2.93 -1.18
CA LEU A 336 -7.98 -2.12 -1.39
C LEU A 336 -8.31 -0.67 -1.09
N ASP A 337 -9.50 -0.23 -1.48
CA ASP A 337 -10.01 1.09 -1.10
C ASP A 337 -10.08 1.27 0.41
N PHE A 338 -10.56 0.25 1.12
CA PHE A 338 -10.69 0.33 2.56
C PHE A 338 -9.34 0.48 3.23
N LEU A 339 -8.40 -0.34 2.81
CA LEU A 339 -7.05 -0.32 3.39
C LEU A 339 -6.32 1.00 3.08
N VAL A 340 -6.62 1.59 1.92
CA VAL A 340 -5.95 2.79 1.44
C VAL A 340 -6.64 4.05 1.97
N GLU A 341 -7.93 3.95 2.26
CA GLU A 341 -8.69 5.10 2.76
C GLU A 341 -8.99 5.06 4.25
N LYS A 342 -9.50 3.93 4.74
CA LYS A 342 -10.08 3.86 6.09
C LYS A 342 -9.25 3.18 7.17
N ASP A 343 -8.33 2.31 6.80
CA ASP A 343 -7.63 1.54 7.80
C ASP A 343 -6.51 2.33 8.47
N ASN A 344 -6.31 2.08 9.76
CA ASN A 344 -5.30 2.79 10.51
C ASN A 344 -4.36 1.85 11.24
N GLU A 345 -4.67 0.56 11.21
CA GLU A 345 -3.88 -0.39 11.97
C GLU A 345 -3.19 -1.47 11.15
N TYR A 346 -3.79 -1.92 10.04
CA TYR A 346 -3.27 -3.08 9.31
C TYR A 346 -1.85 -2.84 8.85
N CYS A 347 -1.63 -1.73 8.15
CA CYS A 347 -0.30 -1.40 7.70
C CYS A 347 0.27 -0.19 8.41
N VAL A 348 1.26 -0.43 9.26
CA VAL A 348 2.06 0.63 9.84
C VAL A 348 3.48 0.25 9.48
N CYS A 349 4.15 1.11 8.75
CA CYS A 349 5.43 0.76 8.17
C CYS A 349 6.58 1.28 8.97
N GLU A 350 7.57 0.42 9.21
CA GLU A 350 8.78 0.83 9.90
C GLU A 350 9.50 1.80 8.99
N MET A 351 10.24 2.73 9.57
CA MET A 351 10.98 3.69 8.78
C MET A 351 12.15 2.98 8.10
N PRO A 352 12.41 3.31 6.84
CA PRO A 352 13.60 2.78 6.18
C PRO A 352 14.81 3.63 6.51
N CYS A 353 16.02 3.12 6.27
CA CYS A 353 17.21 3.83 6.68
C CYS A 353 17.68 4.82 5.62
N ASN A 354 17.20 4.64 4.40
CA ASN A 354 17.56 5.49 3.29
C ASN A 354 16.32 5.92 2.54
N VAL A 355 16.12 7.22 2.41
CA VAL A 355 14.99 7.72 1.63
C VAL A 355 15.47 8.80 0.67
N THR A 356 15.04 8.70 -0.58
CA THR A 356 15.31 9.75 -1.54
C THR A 356 14.01 10.41 -1.97
N ARG A 357 13.88 11.69 -1.63
CA ARG A 357 12.72 12.47 -1.99
C ARG A 357 13.09 13.47 -3.10
N TYR A 358 12.18 13.70 -4.03
CA TYR A 358 12.39 14.73 -5.04
C TYR A 358 11.38 15.85 -4.87
N GLY A 359 11.85 17.01 -4.44
CA GLY A 359 11.00 18.19 -4.42
C GLY A 359 10.74 18.64 -5.84
N LYS A 360 9.53 19.09 -6.12
CA LYS A 360 9.15 19.43 -7.49
C LYS A 360 8.48 20.79 -7.59
N GLU A 361 8.88 21.57 -8.58
CA GLU A 361 8.17 22.78 -8.93
C GLU A 361 7.62 22.68 -10.34
N LEU A 362 6.30 22.62 -10.46
CA LEU A 362 5.62 22.44 -11.73
C LEU A 362 5.22 23.76 -12.35
N SER A 363 5.21 23.85 -13.67
CA SER A 363 4.75 25.02 -14.39
C SER A 363 4.37 24.64 -15.80
N MET A 364 3.62 25.48 -16.49
CA MET A 364 3.00 25.10 -17.74
C MET A 364 3.00 26.20 -18.79
N VAL A 365 3.02 25.81 -20.06
CA VAL A 365 2.70 26.68 -21.18
C VAL A 365 1.76 25.89 -22.09
N LYS A 366 1.14 26.53 -23.05
CA LYS A 366 0.14 25.85 -23.88
C LYS A 366 0.69 25.24 -25.16
N ILE A 367 0.26 24.03 -25.47
CA ILE A 367 0.53 23.42 -26.76
C ILE A 367 -0.82 22.99 -27.33
N PRO A 368 -1.08 23.27 -28.61
CA PRO A 368 -0.20 24.00 -29.53
C PRO A 368 -0.53 25.48 -29.56
N SER A 369 0.40 26.31 -30.00
CA SER A 369 0.06 27.66 -30.38
C SER A 369 -0.83 27.62 -31.63
N LYS A 370 -1.46 28.73 -31.98
CA LYS A 370 -2.23 28.77 -33.22
C LYS A 370 -1.32 28.54 -34.42
N ALA A 371 -0.06 28.95 -34.30
CA ALA A 371 0.88 28.89 -35.41
C ALA A 371 1.59 27.56 -35.58
N SER A 372 1.35 26.61 -34.69
CA SER A 372 2.02 25.31 -34.80
C SER A 372 1.04 24.15 -34.83
N ALA A 373 -0.23 24.46 -34.68
CA ALA A 373 -1.27 23.45 -34.64
C ALA A 373 -1.36 22.68 -35.95
N LYS A 374 -1.27 23.39 -37.08
CA LYS A 374 -1.47 22.73 -38.36
C LYS A 374 -0.25 21.94 -38.78
N TYR A 375 0.91 22.33 -38.29
CA TYR A 375 2.13 21.59 -38.52
C TYR A 375 2.09 20.24 -37.84
N LEU A 376 1.72 20.24 -36.57
CA LEU A 376 1.64 19.02 -35.76
C LEU A 376 0.50 18.10 -36.22
N ALA A 377 -0.61 18.70 -36.63
CA ALA A 377 -1.72 17.94 -37.20
C ALA A 377 -1.23 17.19 -38.43
N LYS A 378 -0.56 17.90 -39.33
CA LYS A 378 -0.04 17.31 -40.54
C LYS A 378 0.99 16.23 -40.23
N LYS A 379 1.80 16.45 -39.20
CA LYS A 379 2.90 15.55 -38.89
C LYS A 379 2.43 14.20 -38.34
N TYR A 380 1.32 14.20 -37.61
CA TYR A 380 0.82 12.97 -36.99
C TYR A 380 -0.49 12.55 -37.62
N ASN A 381 -0.89 13.27 -38.65
CA ASN A 381 -2.11 12.99 -39.39
C ASN A 381 -3.34 13.04 -38.52
N LYS A 382 -3.55 14.17 -37.85
CA LYS A 382 -4.72 14.36 -37.02
C LYS A 382 -5.26 15.73 -37.35
N SER A 383 -6.41 16.09 -36.79
CA SER A 383 -6.94 17.43 -36.96
C SER A 383 -6.26 18.39 -35.98
N GLU A 384 -6.55 19.68 -36.11
CA GLU A 384 -5.99 20.66 -35.21
C GLU A 384 -6.68 20.58 -33.86
N GLN A 385 -7.97 20.25 -33.87
CA GLN A 385 -8.71 20.10 -32.63
C GLN A 385 -8.19 18.91 -31.82
N TYR A 386 -7.84 17.84 -32.52
CA TYR A 386 -7.30 16.65 -31.87
C TYR A 386 -6.00 16.94 -31.14
N ILE A 387 -5.09 17.64 -31.80
CA ILE A 387 -3.77 17.90 -31.23
C ILE A 387 -3.96 18.65 -29.93
N GLY A 388 -4.90 19.58 -29.92
CA GLY A 388 -5.12 20.42 -28.76
C GLY A 388 -5.77 19.70 -27.60
N GLU A 389 -6.20 18.47 -27.83
CA GLU A 389 -6.93 17.71 -26.82
C GLU A 389 -6.14 16.55 -26.26
N ASN A 390 -5.11 16.11 -26.99
CA ASN A 390 -4.44 14.84 -26.73
C ASN A 390 -2.92 14.94 -26.54
N ILE A 391 -2.32 16.00 -27.06
CA ILE A 391 -0.87 16.13 -27.07
C ILE A 391 -0.40 16.82 -25.80
N LEU A 392 0.65 16.28 -25.18
CA LEU A 392 1.28 16.92 -24.05
C LEU A 392 2.78 16.78 -24.17
N VAL A 393 3.51 17.73 -23.59
CA VAL A 393 4.95 17.58 -23.48
C VAL A 393 5.31 17.66 -22.00
N LEU A 394 6.24 16.82 -21.58
CA LEU A 394 6.68 16.77 -20.21
C LEU A 394 8.18 16.93 -20.17
N ASP A 395 8.67 17.90 -19.40
CA ASP A 395 10.10 18.08 -19.17
C ASP A 395 10.42 17.85 -17.71
N ILE A 396 11.33 16.92 -17.43
CA ILE A 396 11.74 16.60 -16.08
C ILE A 396 13.23 16.76 -15.92
N PHE A 397 13.64 17.62 -15.01
CA PHE A 397 15.05 18.03 -14.89
C PHE A 397 15.39 18.51 -13.49
N PHE A 398 16.67 18.63 -13.20
CA PHE A 398 17.13 19.16 -11.92
C PHE A 398 17.48 20.63 -12.09
N GLU A 399 17.32 21.42 -11.04
CA GLU A 399 17.70 22.82 -11.14
C GLU A 399 19.16 23.01 -10.83
N ALA A 400 19.73 22.05 -10.12
CA ALA A 400 21.13 22.10 -9.75
C ALA A 400 21.56 20.73 -9.28
N LEU A 401 22.83 20.43 -9.52
CA LEU A 401 23.41 19.15 -9.09
C LEU A 401 23.26 19.01 -7.59
N ASN A 402 23.39 20.13 -6.91
CA ASN A 402 23.26 20.20 -5.46
C ASN A 402 22.08 19.43 -4.89
N TYR A 403 22.38 18.36 -4.17
CA TYR A 403 21.36 17.66 -3.42
C TYR A 403 21.51 17.94 -1.93
N GLU A 404 20.45 17.69 -1.19
CA GLU A 404 20.46 17.97 0.22
C GLU A 404 20.48 16.66 1.00
N THR A 405 21.16 16.65 2.14
CA THR A 405 21.15 15.49 3.00
C THR A 405 20.74 15.88 4.41
N ILE A 406 19.75 15.19 4.96
CA ILE A 406 19.38 15.32 6.36
C ILE A 406 19.70 13.99 7.00
N GLU A 407 20.62 13.96 7.95
CA GLU A 407 21.16 12.70 8.45
C GLU A 407 21.14 12.57 9.98
N GLN A 408 20.65 11.44 10.48
CA GLN A 408 20.75 11.15 11.91
C GLN A 408 22.16 10.66 12.27
N LYS A 409 22.80 11.37 13.19
CA LYS A 409 24.14 11.03 13.65
C LYS A 409 24.09 10.60 15.11
N LYS A 410 24.90 9.62 15.48
CA LYS A 410 24.99 9.18 16.87
C LYS A 410 25.58 10.32 17.70
N ALA A 411 24.94 10.63 18.83
CA ALA A 411 25.27 11.84 19.55
C ALA A 411 26.27 11.67 20.69
N TYR A 412 26.51 10.44 21.13
CA TYR A 412 27.35 10.20 22.29
C TYR A 412 28.07 8.86 22.20
N GLU A 413 29.11 8.79 21.39
CA GLU A 413 29.90 7.57 21.23
C GLU A 413 30.64 7.21 22.52
N VAL A 414 31.37 6.10 22.49
CA VAL A 414 32.11 5.64 23.66
C VAL A 414 33.20 6.63 24.09
N ALA A 415 33.90 7.18 23.10
CA ALA A 415 34.95 8.15 23.37
C ALA A 415 34.41 9.38 24.08
N GLY A 416 33.19 9.77 23.73
CA GLY A 416 32.53 10.90 24.35
C GLY A 416 31.95 10.57 25.72
N LEU A 417 31.96 9.29 26.08
CA LEU A 417 31.50 8.89 27.41
C LEU A 417 32.67 8.93 28.37
N LEU A 418 33.83 8.48 27.90
CA LEU A 418 35.02 8.42 28.72
C LEU A 418 35.65 9.81 28.89
N GLY A 419 35.69 10.58 27.82
CA GLY A 419 36.32 11.89 27.83
C GLY A 419 35.71 12.87 28.80
N ASP A 420 34.42 12.72 29.06
CA ASP A 420 33.72 13.61 29.99
C ASP A 420 33.67 13.07 31.41
N ILE A 421 33.70 11.75 31.56
CA ILE A 421 33.97 11.16 32.86
C ILE A 421 35.33 11.68 33.29
N GLY A 422 36.26 11.70 32.34
CA GLY A 422 37.59 12.19 32.57
C GLY A 422 37.66 13.67 32.97
N GLY A 423 36.99 14.51 32.20
CA GLY A 423 37.02 15.95 32.44
C GLY A 423 36.50 16.37 33.79
N GLN A 424 35.47 15.68 34.28
CA GLN A 424 34.88 16.02 35.56
C GLN A 424 35.41 15.19 36.72
N MET A 425 36.30 14.26 36.42
CA MET A 425 37.15 13.67 37.44
C MET A 425 38.08 14.77 37.92
N GLY A 426 38.73 15.43 36.97
CA GLY A 426 39.62 16.54 37.27
C GLY A 426 38.90 17.73 37.88
N LEU A 427 37.59 17.78 37.71
CA LEU A 427 36.78 18.86 38.26
C LEU A 427 36.49 18.65 39.74
N PHE A 428 36.07 17.44 40.09
CA PHE A 428 35.64 17.14 41.45
C PHE A 428 36.80 16.66 42.32
N ILE A 429 37.31 15.47 42.01
CA ILE A 429 38.33 14.81 42.82
C ILE A 429 39.74 15.31 42.45
N GLY A 430 39.84 16.03 41.34
CA GLY A 430 41.11 16.55 40.90
C GLY A 430 42.01 15.43 40.38
N ALA A 431 41.39 14.33 39.98
CA ALA A 431 42.12 13.16 39.51
C ALA A 431 42.65 13.34 38.09
N SER A 432 43.36 12.33 37.62
CA SER A 432 43.97 12.34 36.30
C SER A 432 44.20 10.92 35.82
N ILE A 433 44.65 10.76 34.59
CA ILE A 433 45.01 9.45 34.08
C ILE A 433 46.31 9.03 34.75
N LEU A 434 47.13 10.02 35.06
CA LEU A 434 48.38 9.80 35.77
C LEU A 434 48.19 9.41 37.22
N THR A 435 47.38 10.17 37.96
CA THR A 435 47.16 9.91 39.38
C THR A 435 46.45 8.59 39.65
N VAL A 436 45.46 8.24 38.81
CA VAL A 436 44.81 6.95 38.90
C VAL A 436 45.83 5.82 38.72
N LEU A 437 46.72 6.00 37.75
CA LEU A 437 47.74 5.00 37.45
C LEU A 437 48.74 4.90 38.61
N GLU A 438 49.21 6.05 39.07
CA GLU A 438 50.14 6.17 40.18
C GLU A 438 49.63 5.61 41.47
N LEU A 439 48.38 5.95 41.79
CA LEU A 439 47.78 5.51 43.05
C LEU A 439 47.56 4.02 43.02
N PHE A 440 47.48 3.45 41.83
CA PHE A 440 47.43 2.01 41.66
C PHE A 440 48.79 1.38 41.99
N PCA B 1 -13.81 -10.40 25.58
CA PCA B 1 -12.92 -10.41 26.74
CB PCA B 1 -13.71 -10.57 28.03
CG PCA B 1 -15.17 -10.71 27.63
CD PCA B 1 -15.14 -10.58 26.14
OE PCA B 1 -16.16 -10.62 25.46
C PCA B 1 -11.84 -11.46 26.64
O PCA B 1 -11.00 -11.58 27.54
N ILE B 2 -11.81 -12.20 25.54
CA ILE B 2 -10.88 -13.31 25.37
C ILE B 2 -9.39 -12.94 25.45
N ARG B 3 -9.04 -11.74 25.01
CA ARG B 3 -7.68 -11.23 25.19
C ARG B 3 -7.76 -9.97 26.02
N PRO B 4 -6.71 -9.65 26.77
CA PRO B 4 -6.67 -8.44 27.60
C PRO B 4 -7.05 -7.18 26.82
N ALA B 5 -7.36 -6.11 27.54
CA ALA B 5 -7.80 -4.87 26.91
C ALA B 5 -6.65 -4.02 26.42
N PHE B 6 -5.43 -4.29 26.90
CA PHE B 6 -4.27 -3.55 26.40
C PHE B 6 -3.86 -4.05 25.02
N CYS B 7 -4.28 -5.27 24.70
CA CYS B 7 -4.05 -5.86 23.38
C CYS B 7 -4.57 -4.96 22.26
N TYR B 8 -5.57 -4.13 22.56
CA TYR B 8 -6.20 -3.27 21.57
C TYR B 8 -5.63 -1.85 21.59
N GLU B 9 -4.55 -1.67 22.35
CA GLU B 9 -3.92 -0.36 22.47
C GLU B 9 -2.73 -0.24 21.49
N ASP B 10 -2.65 0.88 20.78
CA ASP B 10 -1.52 1.11 19.87
C ASP B 10 -0.19 1.19 20.62
N PRO B 11 0.85 0.52 20.09
CA PRO B 11 2.18 0.67 20.65
C PRO B 11 2.71 2.09 20.46
N PRO B 12 3.74 2.49 21.21
CA PRO B 12 4.38 3.79 20.96
C PRO B 12 5.31 3.79 19.74
N PHE B 13 4.75 3.63 18.55
CA PHE B 13 5.52 3.66 17.31
C PHE B 13 6.35 4.92 17.18
N PHE B 14 7.63 4.76 16.85
CA PHE B 14 8.54 5.86 16.53
C PHE B 14 8.96 6.72 17.72
N GLN B 15 8.46 6.41 18.91
CA GLN B 15 8.77 7.20 20.09
C GLN B 15 10.01 6.68 20.82
N LYS B 16 10.96 7.57 21.06
CA LYS B 16 12.22 7.17 21.68
C LYS B 16 12.40 7.70 23.11
N CYS B 17 12.48 6.78 24.06
CA CYS B 17 12.79 7.12 25.44
C CYS B 17 14.06 6.39 25.86
N GLY B 18 14.82 5.92 24.88
CA GLY B 18 16.01 5.14 25.13
C GLY B 18 16.35 4.22 23.97
N ALA B 19 16.94 3.07 24.28
CA ALA B 19 17.36 2.14 23.24
C ALA B 19 16.16 1.54 22.54
N PHE B 20 16.21 1.50 21.21
CA PHE B 20 15.21 0.81 20.42
C PHE B 20 15.58 -0.66 20.35
N VAL B 21 14.57 -1.52 20.41
CA VAL B 21 14.83 -2.95 20.49
C VAL B 21 13.73 -3.73 19.78
N ASP B 22 14.05 -4.93 19.31
CA ASP B 22 13.06 -5.79 18.69
C ASP B 22 11.95 -6.10 19.68
N SER B 23 10.72 -5.87 19.28
CA SER B 23 9.58 -6.14 20.14
C SER B 23 8.41 -6.57 19.30
N TYR B 24 7.33 -7.00 19.95
CA TYR B 24 6.14 -7.49 19.25
C TYR B 24 4.89 -6.94 19.92
N TYR B 25 3.85 -6.69 19.14
CA TYR B 25 2.63 -6.09 19.64
C TYR B 25 1.47 -6.76 18.95
N PHE B 26 0.30 -6.76 19.58
CA PHE B 26 -0.89 -7.31 18.96
C PHE B 26 -1.49 -6.27 18.03
N ASN B 27 -1.72 -6.68 16.79
CA ASN B 27 -2.35 -5.84 15.81
C ASN B 27 -3.80 -6.23 15.82
N ARG B 28 -4.68 -5.28 16.11
CA ARG B 28 -6.09 -5.58 16.23
C ARG B 28 -6.80 -5.54 14.89
N SER B 29 -6.05 -5.34 13.82
CA SER B 29 -6.62 -5.39 12.49
C SER B 29 -6.26 -6.71 11.81
N ARG B 30 -5.03 -7.15 12.03
CA ARG B 30 -4.59 -8.43 11.53
C ARG B 30 -5.08 -9.56 12.43
N ILE B 31 -5.37 -9.18 13.68
CA ILE B 31 -5.67 -10.11 14.76
C ILE B 31 -4.56 -11.15 14.93
N THR B 32 -3.33 -10.65 14.97
CA THR B 32 -2.16 -11.46 15.29
C THR B 32 -1.06 -10.50 15.70
N CYS B 33 0.09 -11.01 16.12
CA CYS B 33 1.15 -10.14 16.59
C CYS B 33 2.18 -9.84 15.51
N VAL B 34 2.78 -8.66 15.59
CA VAL B 34 3.57 -8.10 14.52
C VAL B 34 4.84 -7.49 15.12
N HIS B 35 5.93 -7.51 14.39
CA HIS B 35 7.19 -6.94 14.84
C HIS B 35 7.21 -5.41 14.78
N PHE B 36 7.84 -4.78 15.77
CA PHE B 36 8.06 -3.35 15.76
C PHE B 36 9.26 -2.98 16.61
N PHE B 37 9.79 -1.78 16.44
CA PHE B 37 10.90 -1.31 17.25
C PHE B 37 10.38 -0.46 18.41
N TYR B 38 10.64 -0.94 19.63
CA TYR B 38 10.15 -0.33 20.85
C TYR B 38 11.27 0.44 21.49
N GLY B 39 11.00 1.68 21.89
CA GLY B 39 12.03 2.56 22.41
C GLY B 39 11.88 2.94 23.87
N GLN B 40 11.46 1.99 24.69
CA GLN B 40 11.37 2.13 26.14
C GLN B 40 10.36 3.16 26.66
N CYS B 41 9.30 3.41 25.89
CA CYS B 41 8.21 4.26 26.38
C CYS B 41 7.07 3.40 26.89
N ASP B 42 6.99 3.23 28.20
CA ASP B 42 6.03 2.31 28.81
C ASP B 42 4.61 2.85 28.81
N VAL B 43 4.18 3.41 27.68
CA VAL B 43 2.85 3.98 27.52
C VAL B 43 1.74 2.98 27.85
N ASN B 44 1.89 1.76 27.36
CA ASN B 44 0.98 0.68 27.73
C ASN B 44 1.69 -0.67 27.74
N GLN B 45 0.93 -1.75 27.82
CA GLN B 45 1.52 -3.06 28.01
C GLN B 45 1.54 -3.88 26.73
N ASN B 46 1.12 -3.28 25.62
CA ASN B 46 1.10 -3.99 24.36
C ASN B 46 2.47 -4.07 23.70
N HIS B 47 3.45 -4.57 24.43
CA HIS B 47 4.76 -4.85 23.83
C HIS B 47 5.43 -6.03 24.51
N PHE B 48 5.78 -7.04 23.71
CA PHE B 48 6.32 -8.27 24.23
C PHE B 48 7.71 -8.49 23.66
N THR B 49 8.53 -9.29 24.34
CA THR B 49 9.88 -9.56 23.87
C THR B 49 9.88 -10.69 22.83
N THR B 50 8.85 -11.51 22.84
CA THR B 50 8.77 -12.66 21.94
C THR B 50 7.47 -12.59 21.15
N MET B 51 7.48 -13.12 19.93
CA MET B 51 6.27 -13.15 19.12
C MET B 51 5.27 -14.16 19.69
N SER B 52 5.77 -15.28 20.20
CA SER B 52 4.90 -16.32 20.75
C SER B 52 4.20 -15.87 22.03
N GLU B 53 4.96 -15.28 22.94
CA GLU B 53 4.39 -14.72 24.17
C GLU B 53 3.27 -13.75 23.83
N CYS B 54 3.51 -12.89 22.85
CA CYS B 54 2.49 -11.97 22.37
C CYS B 54 1.33 -12.74 21.77
N ASN B 55 1.64 -13.85 21.10
CA ASN B 55 0.60 -14.67 20.49
C ASN B 55 -0.13 -15.56 21.48
N ARG B 56 0.32 -15.59 22.73
CA ARG B 56 -0.40 -16.36 23.74
C ARG B 56 -1.30 -15.41 24.51
N VAL B 57 -0.67 -14.39 25.10
CA VAL B 57 -1.38 -13.40 25.89
C VAL B 57 -2.47 -12.71 25.10
N CYS B 58 -2.17 -12.31 23.87
CA CYS B 58 -3.05 -11.40 23.14
C CYS B 58 -3.84 -12.02 21.99
N HIS B 59 -3.48 -13.22 21.58
CA HIS B 59 -4.04 -13.75 20.35
C HIS B 59 -5.45 -14.22 20.62
N GLY B 60 -5.69 -14.56 21.88
CA GLY B 60 -6.96 -15.07 22.34
C GLY B 60 -6.82 -15.73 23.70
N ASN C 1 -17.37 -11.80 3.04
CA ASN C 1 -17.33 -13.24 2.85
C ASN C 1 -16.81 -14.02 4.04
N LEU C 2 -16.51 -15.29 3.83
CA LEU C 2 -16.11 -16.21 4.89
C LEU C 2 -14.68 -16.07 5.37
N ASN C 3 -13.91 -15.17 4.75
CA ASN C 3 -12.59 -14.89 5.29
C ASN C 3 -12.72 -13.97 6.50
N GLN C 4 -13.72 -13.09 6.41
CA GLN C 4 -13.99 -12.12 7.47
C GLN C 4 -14.74 -12.78 8.64
N PHE C 5 -15.62 -13.72 8.32
CA PHE C 5 -16.32 -14.51 9.32
C PHE C 5 -15.31 -15.30 10.12
N ARG C 6 -14.38 -15.92 9.41
CA ARG C 6 -13.33 -16.69 10.05
C ARG C 6 -12.50 -15.78 10.95
N LEU C 7 -12.42 -14.50 10.57
CA LEU C 7 -11.66 -13.52 11.33
C LEU C 7 -12.47 -12.96 12.49
N MET C 8 -13.76 -12.71 12.26
CA MET C 8 -14.67 -12.34 13.32
C MET C 8 -14.69 -13.42 14.39
N ILE C 9 -14.59 -14.67 13.96
CA ILE C 9 -14.57 -15.80 14.87
C ILE C 9 -13.28 -15.81 15.65
N LYS C 10 -12.16 -15.55 14.98
CA LYS C 10 -10.87 -15.56 15.67
C LYS C 10 -10.76 -14.37 16.64
N CYS C 11 -11.55 -13.33 16.35
CA CYS C 11 -11.63 -12.15 17.19
C CYS C 11 -12.30 -12.47 18.54
N THR C 12 -13.31 -13.33 18.50
CA THR C 12 -14.10 -13.66 19.68
C THR C 12 -13.64 -14.92 20.42
N ASN C 13 -13.45 -16.02 19.71
CA ASN C 13 -13.02 -17.24 20.40
C ASN C 13 -11.93 -18.08 19.71
N ASP C 14 -11.20 -18.83 20.53
CA ASP C 14 -9.99 -19.54 20.11
C ASP C 14 -10.22 -20.85 19.35
N ARG C 15 -11.47 -21.30 19.28
CA ARG C 15 -11.77 -22.54 18.58
C ARG C 15 -11.42 -22.40 17.10
N VAL C 16 -10.39 -23.13 16.68
CA VAL C 16 -9.85 -23.09 15.32
C VAL C 16 -10.92 -23.19 14.23
N TRP C 17 -10.70 -22.49 13.13
CA TRP C 17 -11.64 -22.43 12.00
C TRP C 17 -12.08 -23.79 11.45
N ALA C 18 -11.20 -24.78 11.50
CA ALA C 18 -11.50 -26.12 11.00
C ALA C 18 -12.73 -26.75 11.67
N ASP C 19 -12.79 -26.64 13.00
CA ASP C 19 -13.84 -27.29 13.77
C ASP C 19 -15.26 -26.85 13.42
N PHE C 20 -15.41 -25.69 12.79
CA PHE C 20 -16.72 -25.24 12.35
C PHE C 20 -16.93 -25.56 10.89
N VAL C 21 -15.84 -25.88 10.19
CA VAL C 21 -15.85 -25.95 8.72
C VAL C 21 -16.91 -26.88 8.14
N ASP C 22 -16.92 -28.13 8.61
CA ASP C 22 -17.90 -29.10 8.16
C ASP C 22 -18.67 -29.67 9.35
N TYR C 23 -18.86 -28.84 10.37
CA TYR C 23 -19.58 -29.25 11.57
C TYR C 23 -21.06 -29.42 11.27
N GLY C 24 -21.63 -30.51 11.78
CA GLY C 24 -23.06 -30.75 11.72
C GLY C 24 -23.61 -30.76 10.31
N CYS C 25 -24.67 -30.00 10.10
CA CYS C 25 -25.30 -29.92 8.79
C CYS C 25 -25.08 -28.57 8.12
N TYR C 26 -25.11 -27.51 8.91
CA TYR C 26 -25.09 -26.16 8.35
C TYR C 26 -23.71 -25.50 8.32
N CYS C 27 -22.84 -25.89 9.24
CA CYS C 27 -21.57 -25.19 9.41
C CYS C 27 -20.47 -25.66 8.45
N VAL C 28 -19.84 -24.73 7.76
CA VAL C 28 -20.21 -23.32 7.79
C VAL C 28 -20.91 -22.96 6.49
N ALA C 29 -22.12 -22.41 6.61
CA ALA C 29 -22.94 -22.04 5.47
C ALA C 29 -23.20 -23.18 4.48
N ARG C 30 -23.89 -24.21 4.93
CA ARG C 30 -24.36 -25.25 4.04
C ARG C 30 -25.84 -25.37 4.33
N ASP C 31 -26.60 -25.90 3.37
CA ASP C 31 -28.05 -26.02 3.54
C ASP C 31 -28.51 -27.42 3.98
N SER C 32 -29.57 -27.44 4.77
CA SER C 32 -30.21 -28.67 5.25
C SER C 32 -31.59 -28.30 5.78
N ASN C 33 -32.12 -29.12 6.67
CA ASN C 33 -33.43 -28.85 7.26
C ASN C 33 -33.43 -28.97 8.79
N THR C 34 -32.78 -30.01 9.29
CA THR C 34 -32.70 -30.24 10.72
C THR C 34 -31.26 -30.06 11.21
N PRO C 35 -31.05 -29.05 12.06
CA PRO C 35 -29.75 -28.84 12.71
C PRO C 35 -29.53 -29.81 13.86
N VAL C 36 -28.31 -30.32 14.00
CA VAL C 36 -28.03 -31.34 15.02
C VAL C 36 -28.13 -30.85 16.48
N ASP C 37 -27.56 -29.68 16.77
CA ASP C 37 -27.69 -29.03 18.07
C ASP C 37 -27.77 -27.50 17.88
N ASP C 38 -27.41 -26.72 18.90
CA ASP C 38 -27.52 -25.26 18.80
C ASP C 38 -26.35 -24.53 18.10
N LEU C 39 -25.14 -25.09 18.15
CA LEU C 39 -24.04 -24.55 17.36
C LEU C 39 -24.39 -24.62 15.89
N ASP C 40 -24.94 -25.76 15.48
CA ASP C 40 -25.39 -25.95 14.12
C ASP C 40 -26.65 -25.14 13.86
N ARG C 41 -27.28 -24.66 14.92
CA ARG C 41 -28.49 -23.84 14.77
C ARG C 41 -28.11 -22.39 14.48
N CYS C 42 -26.89 -22.03 14.88
CA CYS C 42 -26.36 -20.70 14.61
C CYS C 42 -26.12 -20.55 13.11
N CYS C 43 -25.40 -21.52 12.56
CA CYS C 43 -25.08 -21.57 11.14
C CYS C 43 -26.33 -21.55 10.27
N GLN C 44 -27.43 -22.13 10.76
CA GLN C 44 -28.68 -22.07 10.03
C GLN C 44 -29.21 -20.65 10.03
N ALA C 45 -29.12 -19.99 11.18
CA ALA C 45 -29.50 -18.59 11.27
C ALA C 45 -28.59 -17.76 10.37
N GLN C 46 -27.31 -18.13 10.33
CA GLN C 46 -26.35 -17.49 9.45
C GLN C 46 -26.72 -17.76 8.00
N LYS C 47 -26.84 -19.04 7.66
CA LYS C 47 -27.29 -19.41 6.32
C LYS C 47 -28.60 -18.80 5.89
N GLN C 48 -29.54 -18.69 6.81
CA GLN C 48 -30.83 -18.11 6.48
C GLN C 48 -30.68 -16.60 6.33
N CYS C 49 -29.60 -16.05 6.90
CA CYS C 49 -29.32 -14.62 6.79
C CYS C 49 -28.74 -14.30 5.42
N TYR C 50 -27.79 -15.11 4.98
CA TYR C 50 -27.23 -15.00 3.62
C TYR C 50 -28.31 -15.18 2.55
N ASP C 51 -29.27 -16.08 2.81
CA ASP C 51 -30.35 -16.29 1.87
C ASP C 51 -31.20 -15.03 1.73
N GLU C 52 -31.40 -14.34 2.86
CA GLU C 52 -32.14 -13.09 2.84
C GLU C 52 -31.31 -11.96 2.24
N ALA C 53 -30.00 -12.03 2.46
CA ALA C 53 -29.08 -11.04 1.92
C ALA C 53 -29.12 -11.04 0.39
N VAL C 54 -29.27 -12.23 -0.19
CA VAL C 54 -29.29 -12.39 -1.64
C VAL C 54 -30.62 -12.00 -2.27
N LYS C 55 -31.71 -12.39 -1.63
CA LYS C 55 -33.04 -12.21 -2.21
C LYS C 55 -33.57 -10.79 -2.08
N VAL C 56 -33.45 -10.22 -0.89
CA VAL C 56 -34.02 -8.90 -0.63
C VAL C 56 -33.16 -7.78 -1.18
N HIS C 57 -31.89 -7.76 -0.79
CA HIS C 57 -31.02 -6.63 -1.10
C HIS C 57 -30.26 -6.80 -2.41
N GLY C 58 -29.56 -7.92 -2.54
CA GLY C 58 -28.83 -8.23 -3.76
C GLY C 58 -27.38 -8.57 -3.46
N CYS C 59 -27.12 -8.85 -2.19
CA CYS C 59 -25.77 -9.09 -1.73
C CYS C 59 -25.21 -10.37 -2.32
N LYS C 60 -23.91 -10.57 -2.17
CA LYS C 60 -23.29 -11.83 -2.53
C LYS C 60 -22.37 -12.28 -1.40
N PRO C 61 -22.98 -12.71 -0.29
CA PRO C 61 -22.36 -12.95 1.01
C PRO C 61 -21.11 -13.79 0.96
N LEU C 62 -20.96 -14.62 -0.06
CA LEU C 62 -19.82 -15.52 -0.11
C LEU C 62 -18.65 -14.94 -0.90
N VAL C 63 -18.92 -13.91 -1.68
CA VAL C 63 -17.88 -13.28 -2.49
C VAL C 63 -17.52 -11.90 -1.95
N MET C 64 -18.53 -11.11 -1.63
CA MET C 64 -18.35 -9.71 -1.25
C MET C 64 -17.41 -9.52 -0.07
N PHE C 65 -16.84 -8.32 -0.01
CA PHE C 65 -15.97 -7.91 1.09
C PHE C 65 -16.77 -7.04 2.06
N TYR C 66 -16.43 -7.13 3.34
CA TYR C 66 -16.87 -6.11 4.28
C TYR C 66 -15.75 -5.86 5.28
N SER C 67 -15.86 -4.75 6.01
CA SER C 67 -14.94 -4.47 7.11
C SER C 67 -15.65 -4.55 8.45
N PHE C 68 -14.90 -4.89 9.49
CA PHE C 68 -15.41 -4.92 10.85
C PHE C 68 -14.29 -4.55 11.82
N GLU C 69 -14.65 -3.96 12.95
CA GLU C 69 -13.65 -3.65 13.96
C GLU C 69 -13.76 -4.58 15.18
N CYS C 70 -12.62 -5.13 15.54
CA CYS C 70 -12.51 -6.07 16.64
C CYS C 70 -12.27 -5.27 17.91
N ARG C 71 -13.22 -5.30 18.84
CA ARG C 71 -13.04 -4.62 20.12
C ARG C 71 -12.81 -5.63 21.24
N TYR C 72 -12.53 -5.11 22.42
CA TYR C 72 -12.24 -5.94 23.59
C TYR C 72 -13.41 -6.81 24.01
N LEU C 73 -14.63 -6.30 23.91
CA LEU C 73 -15.82 -7.09 24.19
C LEU C 73 -16.44 -7.60 22.90
N ALA C 74 -16.67 -8.90 22.82
CA ALA C 74 -17.28 -9.51 21.64
C ALA C 74 -18.52 -8.77 21.15
N SER C 75 -19.35 -8.32 22.07
CA SER C 75 -20.59 -7.62 21.72
C SER C 75 -20.31 -6.25 21.13
N ASP C 76 -19.08 -5.77 21.35
CA ASP C 76 -18.69 -4.44 20.91
C ASP C 76 -18.24 -4.47 19.45
N LEU C 77 -18.00 -5.68 18.96
CA LEU C 77 -17.59 -5.92 17.57
C LEU C 77 -18.44 -5.08 16.64
N ASP C 78 -17.78 -4.24 15.84
CA ASP C 78 -18.45 -3.15 15.19
C ASP C 78 -18.60 -3.35 13.70
N CYS C 79 -19.74 -2.91 13.16
CA CYS C 79 -20.05 -3.06 11.74
C CYS C 79 -20.50 -1.73 11.17
N SER C 80 -20.51 -0.70 12.01
CA SER C 80 -21.04 0.59 11.60
C SER C 80 -20.16 1.26 10.54
N GLY C 81 -18.93 0.80 10.43
CA GLY C 81 -17.99 1.38 9.48
C GLY C 81 -18.23 1.09 8.01
N ASN C 82 -19.23 0.28 7.70
CA ASN C 82 -19.51 -0.12 6.32
C ASN C 82 -20.42 0.85 5.57
N ASN C 83 -19.97 1.28 4.39
CA ASN C 83 -20.62 2.37 3.66
C ASN C 83 -21.85 2.03 2.81
N THR C 84 -22.22 0.77 2.73
CA THR C 84 -23.40 0.39 1.95
C THR C 84 -24.30 -0.54 2.75
N LYS C 85 -25.60 -0.51 2.45
CA LYS C 85 -26.58 -1.35 3.14
C LYS C 85 -26.21 -2.82 3.03
N CYS C 86 -25.86 -3.23 1.82
CA CYS C 86 -25.54 -4.62 1.53
C CYS C 86 -24.33 -5.08 2.32
N ARG C 87 -23.32 -4.21 2.41
CA ARG C 87 -22.09 -4.53 3.10
C ARG C 87 -22.32 -4.51 4.60
N ASN C 88 -23.17 -3.59 5.04
CA ASN C 88 -23.56 -3.52 6.43
C ASN C 88 -24.37 -4.74 6.85
N PHE C 89 -25.31 -5.16 6.01
CA PHE C 89 -26.17 -6.30 6.33
C PHE C 89 -25.40 -7.60 6.55
N VAL C 90 -24.50 -7.93 5.63
CA VAL C 90 -23.76 -9.18 5.72
C VAL C 90 -22.80 -9.18 6.91
N CYS C 91 -22.18 -8.05 7.18
CA CYS C 91 -21.32 -7.90 8.35
C CYS C 91 -22.08 -8.24 9.64
N ASN C 92 -23.37 -7.91 9.69
CA ASN C 92 -24.19 -8.27 10.85
C ASN C 92 -24.55 -9.75 10.94
N CYS C 93 -24.89 -10.38 9.81
CA CYS C 93 -25.11 -11.83 9.77
C CYS C 93 -23.98 -12.56 10.43
N ASP C 94 -22.75 -12.17 10.11
CA ASP C 94 -21.58 -12.84 10.63
C ASP C 94 -21.36 -12.46 12.08
N ARG C 95 -21.74 -11.24 12.41
CA ARG C 95 -21.63 -10.76 13.79
C ARG C 95 -22.59 -11.51 14.69
N THR C 96 -23.85 -11.57 14.25
CA THR C 96 -24.88 -12.33 14.92
C THR C 96 -24.46 -13.79 15.09
N ALA C 97 -23.97 -14.38 14.01
CA ALA C 97 -23.63 -15.79 13.99
C ALA C 97 -22.42 -16.11 14.86
N THR C 98 -21.54 -15.14 15.03
CA THR C 98 -20.29 -15.40 15.73
C THR C 98 -20.46 -15.25 17.23
N LEU C 99 -21.38 -14.38 17.65
CA LEU C 99 -21.70 -14.20 19.06
C LEU C 99 -22.50 -15.41 19.53
N CYS C 100 -23.48 -15.80 18.73
CA CYS C 100 -24.26 -16.99 18.97
C CYS C 100 -23.38 -18.24 19.11
N ILE C 101 -22.26 -18.27 18.40
CA ILE C 101 -21.30 -19.37 18.56
C ILE C 101 -20.76 -19.40 20.00
N LEU C 102 -20.58 -18.23 20.58
CA LEU C 102 -20.01 -18.11 21.92
C LEU C 102 -20.92 -18.67 23.00
N THR C 103 -22.22 -18.65 22.75
CA THR C 103 -23.18 -19.22 23.67
C THR C 103 -23.08 -20.74 23.62
N ALA C 104 -23.46 -21.32 22.49
CA ALA C 104 -23.49 -22.77 22.28
C ALA C 104 -22.16 -23.47 22.60
N THR C 105 -22.23 -24.78 22.78
CA THR C 105 -21.06 -25.57 23.17
C THR C 105 -20.63 -26.51 22.06
N TYR C 106 -19.36 -26.91 22.07
CA TYR C 106 -18.81 -27.68 20.98
C TYR C 106 -18.77 -29.18 21.27
N ASN C 107 -19.72 -29.91 20.69
CA ASN C 107 -19.73 -31.37 20.75
C ASN C 107 -19.00 -31.98 19.55
N ARG C 108 -17.77 -32.41 19.81
CA ARG C 108 -16.84 -32.85 18.76
C ARG C 108 -17.41 -33.85 17.77
N ASN C 109 -18.11 -34.86 18.26
CA ASN C 109 -18.63 -35.91 17.38
C ASN C 109 -19.70 -35.43 16.41
N ASN C 110 -20.16 -34.19 16.58
CA ASN C 110 -21.08 -33.59 15.62
C ASN C 110 -20.35 -32.89 14.48
N HIS C 111 -19.03 -32.93 14.52
CA HIS C 111 -18.20 -32.35 13.47
C HIS C 111 -17.78 -33.42 12.47
N LYS C 112 -17.95 -33.12 11.18
CA LYS C 112 -17.65 -34.07 10.10
C LYS C 112 -18.42 -35.38 10.28
N ILE C 113 -19.74 -35.28 10.14
CA ILE C 113 -20.61 -36.45 10.25
C ILE C 113 -20.94 -36.99 8.87
N ASP C 114 -21.86 -37.96 8.81
CA ASP C 114 -22.28 -38.53 7.54
C ASP C 114 -23.48 -37.78 6.98
N PRO C 115 -23.60 -37.74 5.64
CA PRO C 115 -24.74 -37.07 5.01
C PRO C 115 -26.07 -37.74 5.33
N SER C 116 -26.02 -38.97 5.82
CA SER C 116 -27.21 -39.70 6.22
C SER C 116 -27.70 -39.22 7.59
N ARG C 117 -26.93 -38.33 8.20
CA ARG C 117 -27.25 -37.78 9.51
C ARG C 117 -28.08 -36.51 9.38
N CYS C 118 -28.03 -35.90 8.19
CA CYS C 118 -28.69 -34.62 7.94
C CYS C 118 -29.89 -34.78 7.01
CS CS D . 23.26 16.65 25.90
CS CS E . 45.25 19.03 39.34
CS CS F . 13.14 -10.12 -0.14
CS CS G . -11.52 6.05 -9.94
CS CS H . -19.75 -10.39 -15.73
CS CS I . 1.81 24.01 -10.36
CS CS J . 6.90 23.42 -4.54
CS CS K . -7.19 -16.43 2.91
CS CS L . 2.15 -13.29 -17.34
CS CS M . 11.86 -2.44 -22.68
CS CS N . 4.70 6.42 -36.60
CL CL O . 27.23 24.74 -19.64
O1 PE4 P . -8.21 5.84 -13.95
C1 PE4 P . -8.61 4.93 -13.00
C2 PE4 P . -8.65 5.62 -11.68
O2 PE4 P . -8.45 4.73 -10.66
C3 PE4 P . -7.17 4.48 -10.19
C4 PE4 P . -7.18 4.29 -8.70
O3 PE4 P . -8.43 3.92 -8.23
C5 PE4 P . -8.74 4.11 -6.91
C6 PE4 P . -10.20 4.42 -6.76
O4 PE4 P . -10.48 4.93 -5.51
C7 PE4 P . -11.64 5.66 -5.32
C8 PE4 P . -12.48 5.06 -4.25
O5 PE4 P . -13.80 4.93 -4.65
C9 PE4 P . -14.65 4.08 -3.96
C10 PE4 P . -15.74 3.55 -4.81
CS CS Q . 3.24 -7.48 27.89
CS CS R . 7.41 -21.02 23.13
CS CS S . -10.54 -6.80 11.26
CS CS T . -23.26 3.18 8.38
#